data_1ZKE
#
_entry.id   1ZKE
#
_cell.length_a   57.156
_cell.length_b   73.262
_cell.length_c   135.425
_cell.angle_alpha   90.00
_cell.angle_beta   90.00
_cell.angle_gamma   90.00
#
_symmetry.space_group_name_H-M   'P 21 21 21'
#
loop_
_entity.id
_entity.type
_entity.pdbx_description
1 polymer 'Hypothetical protein HP1531'
2 non-polymer 'MAGNESIUM ION'
3 water water
#
_entity_poly.entity_id   1
_entity_poly.type   'polypeptide(L)'
_entity_poly.pdbx_seq_one_letter_code
;GHMFEKIRKILADIEDSQNEIEMLLKLANLSLGDFIEIKRGSMDMPKGVNEAFFTQLSEEVERLKELINALNKIKKGLLV
FGS
;
_entity_poly.pdbx_strand_id   A,B,C,D,E,F
#
loop_
_chem_comp.id
_chem_comp.type
_chem_comp.name
_chem_comp.formula
MG non-polymer 'MAGNESIUM ION' 'Mg 2'
#
# COMPACT_ATOMS: atom_id res chain seq x y z
N MET A 3 -13.06 7.88 -3.56
CA MET A 3 -11.87 7.02 -3.32
C MET A 3 -10.57 7.82 -3.15
N PHE A 4 -10.37 8.83 -3.99
CA PHE A 4 -9.14 9.59 -3.93
C PHE A 4 -9.04 10.42 -2.65
N GLU A 5 -10.18 10.80 -2.10
CA GLU A 5 -10.27 11.43 -0.78
C GLU A 5 -9.75 10.46 0.30
N LYS A 6 -10.21 9.22 0.23
CA LYS A 6 -9.81 8.16 1.17
C LYS A 6 -8.31 7.85 1.06
N ILE A 7 -7.81 7.74 -0.16
CA ILE A 7 -6.37 7.53 -0.40
C ILE A 7 -5.52 8.68 0.16
N ARG A 8 -5.89 9.92 -0.16
CA ARG A 8 -5.11 11.07 0.30
C ARG A 8 -5.00 11.15 1.82
N LYS A 9 -6.09 10.80 2.51
CA LYS A 9 -6.09 10.78 3.97
C LYS A 9 -5.14 9.69 4.49
N ILE A 10 -5.19 8.51 3.87
CA ILE A 10 -4.30 7.42 4.29
C ILE A 10 -2.83 7.77 4.04
N LEU A 11 -2.55 8.38 2.88
CA LEU A 11 -1.19 8.79 2.56
C LEU A 11 -0.64 9.78 3.59
N ALA A 12 -1.49 10.71 4.03
CA ALA A 12 -1.11 11.69 5.06
C ALA A 12 -0.79 10.97 6.37
N ASP A 13 -1.60 9.97 6.72
CA ASP A 13 -1.38 9.15 7.93
C ASP A 13 -0.11 8.32 7.86
N ILE A 14 0.22 7.82 6.66
CA ILE A 14 1.45 7.07 6.45
C ILE A 14 2.67 7.98 6.63
N GLU A 15 2.63 9.18 6.05
CA GLU A 15 3.70 10.15 6.24
C GLU A 15 3.92 10.43 7.72
N ASP A 16 2.83 10.67 8.45
CA ASP A 16 2.90 10.93 9.90
C ASP A 16 3.50 9.73 10.63
N SER A 17 3.03 8.54 10.28
CA SER A 17 3.52 7.32 10.94
C SER A 17 5.02 7.11 10.71
N GLN A 18 5.49 7.29 9.48
CA GLN A 18 6.91 7.25 9.16
C GLN A 18 7.72 8.25 9.98
N ASN A 19 7.22 9.48 10.09
CA ASN A 19 7.90 10.53 10.83
C ASN A 19 8.06 10.14 12.30
N GLU A 20 6.99 9.57 12.87
CA GLU A 20 7.00 9.12 14.27
C GLU A 20 8.04 8.02 14.47
N ILE A 21 8.03 7.04 13.57
CA ILE A 21 8.96 5.92 13.66
C ILE A 21 10.41 6.40 13.54
N GLU A 22 10.67 7.29 12.58
CA GLU A 22 12.02 7.80 12.42
C GLU A 22 12.48 8.53 13.68
N MET A 23 11.58 9.28 14.29
CA MET A 23 11.91 10.02 15.51
C MET A 23 12.22 9.04 16.66
N LEU A 24 11.38 8.04 16.81
CA LEU A 24 11.57 7.03 17.84
C LEU A 24 12.87 6.25 17.64
N LEU A 25 13.17 5.90 16.40
CA LEU A 25 14.44 5.21 16.09
C LEU A 25 15.64 6.10 16.38
N LYS A 26 15.54 7.38 16.03
CA LYS A 26 16.58 8.35 16.33
C LYS A 26 16.83 8.42 17.84
N LEU A 27 15.75 8.56 18.59
CA LEU A 27 15.82 8.61 20.04
C LEU A 27 16.41 7.35 20.64
N ALA A 28 16.00 6.19 20.11
CA ALA A 28 16.48 4.89 20.57
C ALA A 28 17.91 4.54 20.11
N ASN A 29 18.41 5.27 19.12
CA ASN A 29 19.73 5.02 18.49
C ASN A 29 19.76 3.62 17.87
N LEU A 30 18.76 3.37 17.05
CA LEU A 30 18.52 2.05 16.48
C LEU A 30 18.08 2.23 15.04
N SER A 31 18.52 1.35 14.16
CA SER A 31 17.99 1.32 12.79
C SER A 31 16.68 0.54 12.74
N LEU A 32 15.85 0.81 11.74
CA LEU A 32 14.61 0.04 11.55
C LEU A 32 14.91 -1.45 11.42
N GLY A 33 15.95 -1.76 10.62
CA GLY A 33 16.40 -3.14 10.42
C GLY A 33 16.75 -3.83 11.74
N ASP A 34 17.55 -3.14 12.56
CA ASP A 34 17.93 -3.68 13.87
C ASP A 34 16.71 -3.86 14.77
N PHE A 35 15.77 -2.90 14.75
CA PHE A 35 14.56 -3.03 15.56
C PHE A 35 13.83 -4.33 15.21
N ILE A 36 13.61 -4.55 13.91
CA ILE A 36 12.94 -5.76 13.46
C ILE A 36 13.70 -7.04 13.86
N GLU A 37 15.03 -7.03 13.71
CA GLU A 37 15.84 -8.21 14.08
C GLU A 37 15.79 -8.50 15.58
N ILE A 38 15.68 -7.45 16.39
CA ILE A 38 15.59 -7.63 17.83
C ILE A 38 14.20 -8.15 18.21
N LYS A 39 13.17 -7.54 17.64
CA LYS A 39 11.80 -7.96 17.89
C LYS A 39 11.52 -9.42 17.50
N ARG A 40 12.15 -9.88 16.44
CA ARG A 40 11.92 -11.25 15.95
C ARG A 40 12.76 -12.29 16.69
N GLY A 41 13.64 -11.82 17.57
CA GLY A 41 14.46 -12.74 18.38
C GLY A 41 15.81 -13.10 17.77
N SER A 42 16.16 -12.51 16.62
CA SER A 42 17.41 -12.86 15.92
C SER A 42 18.66 -12.10 16.36
N MET A 43 18.48 -10.88 16.85
CA MET A 43 19.60 -10.02 17.25
C MET A 43 19.49 -9.73 18.74
N ASP A 44 20.60 -9.86 19.46
CA ASP A 44 20.65 -9.44 20.87
C ASP A 44 20.46 -7.93 20.95
N MET A 45 19.80 -7.45 22.02
CA MET A 45 19.70 -6.01 22.28
C MET A 45 21.12 -5.47 22.36
N PRO A 46 21.47 -4.48 21.51
CA PRO A 46 22.80 -3.89 21.63
C PRO A 46 22.90 -3.16 22.96
N LYS A 47 24.09 -3.11 23.54
CA LYS A 47 24.26 -2.27 24.72
C LYS A 47 24.22 -0.81 24.29
N GLY A 48 23.65 0.01 25.15
CA GLY A 48 23.41 1.40 24.81
C GLY A 48 21.95 1.63 24.54
N VAL A 49 21.30 0.67 23.88
CA VAL A 49 19.93 0.84 23.44
C VAL A 49 18.96 0.66 24.61
N ASN A 50 18.08 1.64 24.78
CA ASN A 50 17.07 1.59 25.81
C ASN A 50 15.86 0.80 25.29
N GLU A 51 15.69 -0.40 25.83
CA GLU A 51 14.57 -1.26 25.45
C GLU A 51 13.19 -0.64 25.75
N ALA A 52 13.16 0.38 26.61
CA ALA A 52 11.90 1.01 26.98
C ALA A 52 11.18 1.67 25.79
N PHE A 53 11.92 1.96 24.72
CA PHE A 53 11.33 2.50 23.49
C PHE A 53 10.53 1.48 22.70
N PHE A 54 10.72 0.20 23.03
CA PHE A 54 10.19 -0.87 22.17
C PHE A 54 8.69 -0.95 22.12
N THR A 55 8.01 -0.64 23.23
CA THR A 55 6.56 -0.70 23.24
C THR A 55 5.97 0.29 22.23
N GLN A 56 6.40 1.55 22.31
CA GLN A 56 5.89 2.58 21.40
C GLN A 56 6.28 2.30 19.96
N LEU A 57 7.55 1.91 19.74
CA LEU A 57 8.01 1.57 18.39
C LEU A 57 7.16 0.46 17.78
N SER A 58 6.92 -0.58 18.58
CA SER A 58 6.10 -1.71 18.12
C SER A 58 4.71 -1.25 17.72
N GLU A 59 4.09 -0.42 18.56
CA GLU A 59 2.76 0.09 18.29
C GLU A 59 2.72 0.92 17.02
N GLU A 60 3.74 1.77 16.84
CA GLU A 60 3.77 2.64 15.67
C GLU A 60 4.02 1.83 14.40
N VAL A 61 4.92 0.84 14.47
CA VAL A 61 5.17 -0.03 13.31
C VAL A 61 3.89 -0.80 12.95
N GLU A 62 3.16 -1.27 13.96
CA GLU A 62 1.88 -1.94 13.69
C GLU A 62 0.89 -0.97 13.02
N ARG A 63 0.89 0.29 13.46
CA ARG A 63 0.03 1.29 12.82
C ARG A 63 0.38 1.46 11.34
N LEU A 64 1.67 1.55 11.04
CA LEU A 64 2.12 1.71 9.65
C LEU A 64 1.67 0.52 8.78
N LYS A 65 1.82 -0.68 9.32
CA LYS A 65 1.38 -1.89 8.62
C LYS A 65 -0.12 -1.85 8.35
N GLU A 66 -0.89 -1.45 9.35
CA GLU A 66 -2.35 -1.35 9.24
C GLU A 66 -2.78 -0.30 8.21
N LEU A 67 -2.05 0.82 8.16
CA LEU A 67 -2.35 1.88 7.19
C LEU A 67 -2.10 1.40 5.76
N ILE A 68 -0.98 0.71 5.57
CA ILE A 68 -0.66 0.17 4.24
C ILE A 68 -1.70 -0.85 3.85
N ASN A 69 -2.12 -1.69 4.80
CA ASN A 69 -3.20 -2.65 4.53
C ASN A 69 -4.51 -1.94 4.15
N ALA A 70 -4.82 -0.85 4.85
CA ALA A 70 -6.06 -0.10 4.58
C ALA A 70 -6.05 0.55 3.20
N LEU A 71 -4.87 1.04 2.81
CA LEU A 71 -4.68 1.61 1.47
C LEU A 71 -4.92 0.54 0.40
N ASN A 72 -4.38 -0.65 0.63
CA ASN A 72 -4.60 -1.74 -0.31
C ASN A 72 -6.06 -2.15 -0.41
N LYS A 73 -6.79 -2.09 0.71
CA LYS A 73 -8.22 -2.39 0.67
C LYS A 73 -8.98 -1.39 -0.22
N ILE A 74 -8.62 -0.12 -0.16
CA ILE A 74 -9.23 0.88 -1.03
C ILE A 74 -8.90 0.55 -2.48
N LYS A 75 -7.65 0.21 -2.74
CA LYS A 75 -7.17 -0.19 -4.06
C LYS A 75 -7.97 -1.35 -4.68
N LYS A 76 -8.53 -2.23 -3.85
CA LYS A 76 -9.36 -3.33 -4.36
C LYS A 76 -10.55 -2.82 -5.18
N GLY A 77 -10.99 -1.60 -4.90
CA GLY A 77 -12.06 -0.93 -5.68
C GLY A 77 -11.63 -0.57 -7.09
N LEU A 78 -10.32 -0.59 -7.35
CA LEU A 78 -9.79 -0.31 -8.69
C LEU A 78 -9.53 -1.56 -9.52
N LEU A 79 -9.71 -2.73 -8.89
CA LEU A 79 -9.55 -3.97 -9.62
C LEU A 79 -10.70 -4.12 -10.60
N VAL A 80 -10.36 -4.62 -11.77
CA VAL A 80 -11.37 -5.00 -12.74
C VAL A 80 -11.20 -6.49 -12.94
N PHE A 81 -12.28 -7.23 -12.67
CA PHE A 81 -12.30 -8.70 -12.76
C PHE A 81 -11.37 -9.34 -11.73
N GLY A 82 -11.06 -8.61 -10.66
CA GLY A 82 -10.13 -9.09 -9.63
C GLY A 82 -8.65 -8.90 -9.94
N SER A 83 -8.34 -8.11 -10.97
CA SER A 83 -6.95 -7.85 -11.35
C SER A 83 -6.68 -6.35 -11.60
N HIS B 2 27.63 -18.31 36.50
CA HIS B 2 27.80 -17.07 35.71
C HIS B 2 26.86 -16.01 36.27
N MET B 3 25.68 -15.86 35.65
CA MET B 3 24.75 -14.80 36.01
C MET B 3 24.36 -14.85 37.49
N PHE B 4 24.01 -16.03 37.96
CA PHE B 4 23.50 -16.15 39.32
C PHE B 4 24.59 -15.93 40.38
N GLU B 5 25.82 -16.32 40.08
CA GLU B 5 26.94 -16.04 40.98
C GLU B 5 27.15 -14.53 41.11
N LYS B 6 27.06 -13.84 39.97
CA LYS B 6 27.22 -12.38 39.94
C LYS B 6 26.11 -11.71 40.72
N ILE B 7 24.89 -12.20 40.55
CA ILE B 7 23.74 -11.63 41.27
C ILE B 7 23.91 -11.85 42.78
N ARG B 8 24.27 -13.06 43.19
CA ARG B 8 24.44 -13.36 44.60
C ARG B 8 25.46 -12.43 45.27
N LYS B 9 26.55 -12.13 44.56
CA LYS B 9 27.60 -11.24 45.09
C LYS B 9 27.02 -9.83 45.29
N ILE B 10 26.26 -9.36 44.31
CA ILE B 10 25.62 -8.06 44.43
C ILE B 10 24.62 -8.01 45.59
N LEU B 11 23.85 -9.08 45.79
CA LEU B 11 22.89 -9.11 46.89
C LEU B 11 23.61 -8.99 48.23
N ALA B 12 24.73 -9.71 48.37
CA ALA B 12 25.54 -9.62 49.58
C ALA B 12 26.06 -8.19 49.78
N ASP B 13 26.48 -7.55 48.69
CA ASP B 13 27.01 -6.19 48.79
C ASP B 13 25.92 -5.18 49.15
N ILE B 14 24.72 -5.40 48.62
CA ILE B 14 23.56 -4.56 48.97
C ILE B 14 23.24 -4.66 50.47
N GLU B 15 23.27 -5.88 51.03
CA GLU B 15 23.07 -6.04 52.47
C GLU B 15 24.12 -5.24 53.25
N ASP B 16 25.38 -5.32 52.80
CA ASP B 16 26.47 -4.60 53.48
C ASP B 16 26.25 -3.09 53.40
N SER B 17 25.88 -2.59 52.22
CA SER B 17 25.61 -1.18 52.04
C SER B 17 24.47 -0.69 52.94
N GLN B 18 23.39 -1.47 53.01
CA GLN B 18 22.26 -1.12 53.87
C GLN B 18 22.69 -1.01 55.34
N ASN B 19 23.45 -1.99 55.79
CA ASN B 19 23.98 -1.97 57.17
C ASN B 19 24.80 -0.71 57.47
N GLU B 20 25.65 -0.30 56.53
CA GLU B 20 26.47 0.91 56.70
C GLU B 20 25.58 2.15 56.80
N ILE B 21 24.64 2.25 55.86
CA ILE B 21 23.72 3.39 55.86
C ILE B 21 22.91 3.46 57.15
N GLU B 22 22.44 2.30 57.63
CA GLU B 22 21.66 2.26 58.87
C GLU B 22 22.46 2.82 60.05
N MET B 23 23.73 2.44 60.14
CA MET B 23 24.56 2.94 61.23
C MET B 23 24.77 4.46 61.10
N LEU B 24 25.05 4.92 59.88
CA LEU B 24 25.25 6.36 59.64
C LEU B 24 24.02 7.17 60.01
N LEU B 25 22.84 6.71 59.59
CA LEU B 25 21.58 7.41 59.90
C LEU B 25 21.30 7.43 61.40
N LYS B 26 21.58 6.31 62.07
CA LYS B 26 21.42 6.25 63.51
C LYS B 26 22.29 7.35 64.07
N LEU B 27 23.55 7.40 63.66
CA LEU B 27 24.49 8.30 64.35
C LEU B 27 24.16 9.76 64.05
N ALA B 28 23.66 10.01 62.83
CA ALA B 28 23.36 11.37 62.37
C ALA B 28 22.02 11.85 62.91
N ASN B 29 21.20 10.90 63.34
CA ASN B 29 19.86 11.16 63.86
C ASN B 29 18.91 11.76 62.84
N LEU B 30 18.86 11.14 61.67
CA LEU B 30 17.79 11.45 60.72
C LEU B 30 17.39 10.23 59.95
N SER B 31 16.23 10.30 59.31
CA SER B 31 15.76 9.19 58.50
C SER B 31 16.39 9.28 57.11
N LEU B 32 16.33 8.17 56.39
CA LEU B 32 16.84 8.17 55.03
C LEU B 32 16.07 9.18 54.16
N GLY B 33 14.74 9.22 54.34
CA GLY B 33 13.93 10.16 53.56
C GLY B 33 14.32 11.59 53.87
N ASP B 34 14.61 11.87 55.14
CA ASP B 34 15.09 13.20 55.57
C ASP B 34 16.36 13.56 54.83
N PHE B 35 17.33 12.64 54.86
CA PHE B 35 18.59 12.84 54.14
C PHE B 35 18.36 13.15 52.66
N ILE B 36 17.51 12.37 51.99
CA ILE B 36 17.27 12.58 50.57
C ILE B 36 16.64 13.95 50.32
N GLU B 37 15.68 14.35 51.17
CA GLU B 37 15.03 15.66 51.01
C GLU B 37 15.99 16.82 51.26
N ILE B 38 16.94 16.64 52.18
CA ILE B 38 17.96 17.66 52.40
C ILE B 38 18.86 17.78 51.17
N LYS B 39 19.28 16.64 50.63
CA LYS B 39 20.09 16.63 49.40
C LYS B 39 19.36 17.25 48.20
N ARG B 40 18.04 17.12 48.19
CA ARG B 40 17.20 17.67 47.12
C ARG B 40 16.89 19.14 47.32
N GLY B 41 17.29 19.70 48.46
CA GLY B 41 17.06 21.12 48.78
C GLY B 41 15.66 21.43 49.31
N SER B 42 14.85 20.40 49.49
CA SER B 42 13.47 20.63 49.91
C SER B 42 13.31 20.78 51.42
N MET B 43 14.21 20.18 52.20
CA MET B 43 14.20 20.25 53.68
C MET B 43 15.44 21.01 54.15
N ASP B 44 15.27 21.97 55.06
CA ASP B 44 16.45 22.65 55.66
C ASP B 44 17.27 21.62 56.42
N MET B 45 18.58 21.80 56.48
CA MET B 45 19.40 20.97 57.37
C MET B 45 18.91 21.28 58.78
N PRO B 46 18.43 20.26 59.53
CA PRO B 46 17.94 20.45 60.89
C PRO B 46 19.05 21.03 61.77
N LYS B 47 18.68 21.94 62.67
CA LYS B 47 19.65 22.59 63.56
C LYS B 47 20.53 21.58 64.32
N GLY B 48 19.91 20.48 64.77
CA GLY B 48 20.60 19.49 65.60
C GLY B 48 21.35 18.40 64.84
N VAL B 49 21.36 18.49 63.52
CA VAL B 49 22.02 17.47 62.70
C VAL B 49 23.36 17.99 62.20
N ASN B 50 24.38 17.14 62.31
CA ASN B 50 25.73 17.47 61.85
C ASN B 50 25.90 17.18 60.34
N GLU B 51 26.00 18.23 59.53
CA GLU B 51 26.13 18.06 58.06
C GLU B 51 27.39 17.31 57.64
N ALA B 52 28.37 17.21 58.54
CA ALA B 52 29.58 16.43 58.23
C ALA B 52 29.28 14.96 57.90
N PHE B 53 28.18 14.42 58.42
CA PHE B 53 27.75 13.04 58.07
C PHE B 53 27.40 12.90 56.59
N PHE B 54 27.08 14.02 55.94
CA PHE B 54 26.54 13.93 54.57
C PHE B 54 27.56 13.42 53.55
N THR B 55 28.84 13.63 53.83
CA THR B 55 29.86 13.14 52.90
C THR B 55 29.81 11.62 52.78
N GLN B 56 29.95 10.92 53.90
CA GLN B 56 29.92 9.46 53.88
C GLN B 56 28.53 8.91 53.53
N LEU B 57 27.46 9.55 54.02
CA LEU B 57 26.11 9.10 53.67
C LEU B 57 25.90 9.16 52.17
N SER B 58 26.34 10.26 51.56
CA SER B 58 26.18 10.41 50.10
C SER B 58 26.95 9.32 49.37
N GLU B 59 28.19 9.07 49.80
CA GLU B 59 29.02 8.04 49.17
C GLU B 59 28.37 6.66 49.28
N GLU B 60 27.81 6.36 50.44
CA GLU B 60 27.22 5.04 50.67
C GLU B 60 25.91 4.87 49.90
N VAL B 61 25.10 5.94 49.86
CA VAL B 61 23.87 5.91 49.10
C VAL B 61 24.15 5.76 47.60
N GLU B 62 25.19 6.44 47.13
CA GLU B 62 25.65 6.26 45.73
C GLU B 62 26.10 4.83 45.45
N ARG B 63 26.81 4.20 46.40
CA ARG B 63 27.20 2.80 46.24
C ARG B 63 25.97 1.89 46.13
N LEU B 64 24.97 2.13 47.00
CA LEU B 64 23.74 1.36 46.98
C LEU B 64 23.02 1.49 45.63
N LYS B 65 22.89 2.72 45.14
CA LYS B 65 22.32 2.97 43.81
C LYS B 65 23.08 2.23 42.72
N GLU B 66 24.41 2.30 42.78
CA GLU B 66 25.24 1.63 41.75
C GLU B 66 25.08 0.11 41.75
N LEU B 67 24.94 -0.48 42.94
CA LEU B 67 24.74 -1.92 43.08
C LEU B 67 23.41 -2.35 42.45
N ILE B 68 22.35 -1.60 42.74
CA ILE B 68 21.04 -1.90 42.16
C ILE B 68 21.09 -1.73 40.64
N ASN B 69 21.78 -0.69 40.18
CA ASN B 69 21.99 -0.49 38.74
C ASN B 69 22.73 -1.64 38.08
N ALA B 70 23.76 -2.16 38.77
CA ALA B 70 24.50 -3.32 38.27
C ALA B 70 23.59 -4.53 38.09
N LEU B 71 22.68 -4.73 39.04
CA LEU B 71 21.72 -5.83 39.00
C LEU B 71 20.74 -5.64 37.85
N ASN B 72 20.30 -4.39 37.67
CA ASN B 72 19.38 -4.11 36.58
C ASN B 72 20.05 -4.34 35.23
N LYS B 73 21.36 -4.08 35.16
CA LYS B 73 22.13 -4.27 33.93
C LYS B 73 22.26 -5.76 33.62
N ILE B 74 22.51 -6.57 34.65
CA ILE B 74 22.60 -8.02 34.48
C ILE B 74 21.27 -8.58 33.97
N LYS B 75 20.18 -8.04 34.50
CA LYS B 75 18.83 -8.46 34.12
C LYS B 75 18.53 -8.26 32.62
N LYS B 76 19.24 -7.34 31.99
CA LYS B 76 19.10 -7.12 30.54
C LYS B 76 19.43 -8.37 29.73
N GLY B 77 20.27 -9.24 30.29
CA GLY B 77 20.60 -10.51 29.65
C GLY B 77 19.46 -11.50 29.57
N LEU B 78 18.35 -11.19 30.25
CA LEU B 78 17.16 -12.05 30.25
C LEU B 78 16.04 -11.54 29.32
N LEU B 79 16.31 -10.45 28.60
CA LEU B 79 15.35 -9.92 27.64
C LEU B 79 15.11 -10.92 26.52
N VAL B 80 13.87 -11.01 26.08
CA VAL B 80 13.51 -11.80 24.90
C VAL B 80 12.61 -10.92 24.03
N PHE B 81 12.96 -10.79 22.76
CA PHE B 81 12.27 -9.87 21.83
C PHE B 81 12.32 -8.44 22.35
N GLY B 82 13.32 -8.15 23.19
CA GLY B 82 13.48 -6.82 23.79
C GLY B 82 12.58 -6.55 24.99
N SER B 83 11.94 -7.58 25.51
CA SER B 83 11.01 -7.46 26.65
C SER B 83 11.34 -8.42 27.78
N MET C 3 14.37 1.58 3.48
CA MET C 3 12.91 1.30 3.35
C MET C 3 12.09 2.58 3.27
N PHE C 4 12.39 3.52 4.17
CA PHE C 4 11.59 4.74 4.31
C PHE C 4 11.77 5.73 3.15
N GLU C 5 12.98 5.76 2.61
CA GLU C 5 13.27 6.53 1.41
C GLU C 5 12.41 6.01 0.25
N LYS C 6 12.33 4.70 0.13
CA LYS C 6 11.50 4.04 -0.89
C LYS C 6 10.02 4.37 -0.73
N ILE C 7 9.52 4.30 0.50
CA ILE C 7 8.13 4.63 0.79
C ILE C 7 7.82 6.08 0.43
N ARG C 8 8.67 7.00 0.87
CA ARG C 8 8.50 8.42 0.57
C ARG C 8 8.38 8.73 -0.92
N LYS C 9 9.22 8.08 -1.73
CA LYS C 9 9.16 8.23 -3.18
C LYS C 9 7.83 7.70 -3.72
N ILE C 10 7.43 6.52 -3.24
CA ILE C 10 6.18 5.92 -3.70
C ILE C 10 4.97 6.81 -3.38
N LEU C 11 4.95 7.39 -2.18
CA LEU C 11 3.90 8.33 -1.79
C LEU C 11 3.84 9.53 -2.74
N ALA C 12 5.00 10.05 -3.11
CA ALA C 12 5.07 11.18 -4.05
C ALA C 12 4.56 10.76 -5.43
N ASP C 13 4.97 9.58 -5.88
CA ASP C 13 4.50 9.00 -7.15
C ASP C 13 2.99 8.74 -7.16
N ILE C 14 2.44 8.29 -6.03
CA ILE C 14 0.99 8.12 -5.91
C ILE C 14 0.27 9.45 -6.05
N GLU C 15 0.76 10.50 -5.39
CA GLU C 15 0.13 11.82 -5.55
C GLU C 15 0.16 12.27 -7.01
N ASP C 16 1.29 12.04 -7.71
CA ASP C 16 1.41 12.41 -9.12
C ASP C 16 0.41 11.63 -9.97
N SER C 17 0.31 10.32 -9.69
CA SER C 17 -0.59 9.44 -10.43
C SER C 17 -2.05 9.87 -10.24
N GLN C 18 -2.41 10.19 -9.00
CA GLN C 18 -3.75 10.65 -8.69
C GLN C 18 -4.10 11.93 -9.46
N ASN C 19 -3.18 12.89 -9.45
CA ASN C 19 -3.36 14.14 -10.20
C ASN C 19 -3.53 13.91 -11.71
N GLU C 20 -2.73 13.01 -12.26
CA GLU C 20 -2.81 12.66 -13.68
C GLU C 20 -4.19 12.04 -14.02
N ILE C 21 -4.65 11.13 -13.16
CA ILE C 21 -5.97 10.52 -13.33
C ILE C 21 -7.11 11.56 -13.18
N GLU C 22 -7.00 12.45 -12.19
CA GLU C 22 -8.04 13.48 -12.00
C GLU C 22 -8.17 14.35 -13.23
N MET C 23 -7.03 14.67 -13.83
CA MET C 23 -7.00 15.49 -15.04
C MET C 23 -7.71 14.76 -16.20
N LEU C 24 -7.33 13.49 -16.39
CA LEU C 24 -7.91 12.67 -17.46
C LEU C 24 -9.41 12.53 -17.28
N LEU C 25 -9.84 12.28 -16.06
CA LEU C 25 -11.27 12.22 -15.75
C LEU C 25 -11.98 13.56 -16.00
N LYS C 26 -11.34 14.67 -15.62
CA LYS C 26 -11.90 15.98 -15.91
C LYS C 26 -12.04 16.18 -17.42
N LEU C 27 -11.01 15.85 -18.18
CA LEU C 27 -11.05 16.00 -19.63
C LEU C 27 -12.12 15.10 -20.24
N ALA C 28 -12.28 13.89 -19.70
CA ALA C 28 -13.24 12.91 -20.23
C ALA C 28 -14.70 13.16 -19.78
N ASN C 29 -14.88 14.03 -18.80
CA ASN C 29 -16.17 14.25 -18.12
C ASN C 29 -16.74 12.95 -17.54
N LEU C 30 -15.91 12.26 -16.76
CA LEU C 30 -16.23 10.96 -16.22
C LEU C 30 -15.78 10.91 -14.77
N SER C 31 -16.58 10.29 -13.90
CA SER C 31 -16.12 10.05 -12.53
C SER C 31 -15.24 8.80 -12.53
N LEU C 32 -14.37 8.69 -11.54
CA LEU C 32 -13.56 7.48 -11.39
C LEU C 32 -14.44 6.25 -11.22
N GLY C 33 -15.51 6.40 -10.43
CA GLY C 33 -16.50 5.36 -10.22
C GLY C 33 -17.10 4.88 -11.52
N ASP C 34 -17.51 5.82 -12.37
CA ASP C 34 -18.07 5.49 -13.69
C ASP C 34 -17.03 4.80 -14.58
N PHE C 35 -15.79 5.30 -14.60
CA PHE C 35 -14.72 4.65 -15.36
C PHE C 35 -14.62 3.17 -15.01
N ILE C 36 -14.55 2.88 -13.71
CA ILE C 36 -14.48 1.51 -13.26
C ILE C 36 -15.73 0.70 -13.65
N GLU C 37 -16.92 1.28 -13.45
CA GLU C 37 -18.19 0.60 -13.83
C GLU C 37 -18.27 0.29 -15.33
N ILE C 38 -17.66 1.15 -16.14
CA ILE C 38 -17.67 0.95 -17.60
C ILE C 38 -16.65 -0.10 -17.99
N LYS C 39 -15.45 0.00 -17.41
CA LYS C 39 -14.38 -0.96 -17.67
C LYS C 39 -14.75 -2.40 -17.30
N ARG C 40 -15.53 -2.55 -16.23
CA ARG C 40 -15.92 -3.86 -15.71
C ARG C 40 -17.10 -4.46 -16.46
N GLY C 41 -17.69 -3.68 -17.35
CA GLY C 41 -18.82 -4.15 -18.16
C GLY C 41 -20.20 -3.90 -17.57
N SER C 42 -20.26 -3.33 -16.37
CA SER C 42 -21.53 -3.07 -15.67
C SER C 42 -22.34 -1.87 -16.13
N MET C 43 -21.66 -0.85 -16.64
CA MET C 43 -22.29 0.38 -17.07
C MET C 43 -22.02 0.56 -18.55
N ASP C 44 -23.04 0.92 -19.32
CA ASP C 44 -22.84 1.29 -20.71
C ASP C 44 -22.00 2.56 -20.81
N MET C 45 -21.21 2.62 -21.87
CA MET C 45 -20.55 3.83 -22.31
C MET C 45 -21.60 4.95 -22.37
N PRO C 46 -21.46 6.00 -21.54
CA PRO C 46 -22.43 7.09 -21.65
C PRO C 46 -22.21 7.78 -22.98
N LYS C 47 -23.26 8.23 -23.65
CA LYS C 47 -22.96 8.98 -24.86
C LYS C 47 -22.55 10.40 -24.50
N GLY C 48 -21.70 10.95 -25.33
CA GLY C 48 -21.04 12.20 -25.00
C GLY C 48 -19.66 11.92 -24.48
N VAL C 49 -19.44 10.73 -23.91
CA VAL C 49 -18.11 10.38 -23.41
C VAL C 49 -17.26 9.79 -24.53
N ASN C 50 -16.06 10.33 -24.66
CA ASN C 50 -15.11 9.85 -25.66
C ASN C 50 -14.37 8.64 -25.13
N GLU C 51 -14.69 7.47 -25.66
CA GLU C 51 -14.05 6.21 -25.24
C GLU C 51 -12.54 6.18 -25.50
N ALA C 52 -12.05 7.06 -26.39
CA ALA C 52 -10.62 7.11 -26.64
C ALA C 52 -9.79 7.42 -25.37
N PHE C 53 -10.39 8.08 -24.38
CA PHE C 53 -9.72 8.36 -23.10
C PHE C 53 -9.41 7.10 -22.31
N PHE C 54 -10.08 6.00 -22.62
CA PHE C 54 -9.94 4.81 -21.79
C PHE C 54 -8.56 4.18 -21.86
N THR C 55 -7.87 4.33 -22.97
CA THR C 55 -6.52 3.76 -23.10
C THR C 55 -5.55 4.36 -22.08
N GLN C 56 -5.45 5.69 -22.06
CA GLN C 56 -4.57 6.34 -21.09
C GLN C 56 -5.08 6.19 -19.66
N LEU C 57 -6.39 6.33 -19.46
CA LEU C 57 -6.96 6.15 -18.12
C LEU C 57 -6.61 4.77 -17.57
N SER C 58 -6.77 3.73 -18.39
CA SER C 58 -6.42 2.38 -17.96
C SER C 58 -4.94 2.25 -17.60
N GLU C 59 -4.06 2.83 -18.43
CA GLU C 59 -2.62 2.82 -18.17
C GLU C 59 -2.28 3.49 -16.83
N GLU C 60 -2.88 4.65 -16.58
CA GLU C 60 -2.59 5.42 -15.36
C GLU C 60 -3.18 4.76 -14.10
N VAL C 61 -4.37 4.19 -14.22
CA VAL C 61 -4.96 3.44 -13.10
C VAL C 61 -4.11 2.21 -12.81
N GLU C 62 -3.59 1.57 -13.86
CA GLU C 62 -2.69 0.44 -13.67
C GLU C 62 -1.43 0.84 -12.90
N ARG C 63 -0.88 2.01 -13.25
CA ARG C 63 0.29 2.54 -12.53
C ARG C 63 0.01 2.83 -11.06
N LEU C 64 -1.16 3.42 -10.78
CA LEU C 64 -1.59 3.66 -9.41
C LEU C 64 -1.68 2.36 -8.62
N LYS C 65 -2.31 1.34 -9.23
CA LYS C 65 -2.40 0.04 -8.57
C LYS C 65 -1.03 -0.56 -8.30
N GLU C 66 -0.12 -0.46 -9.27
CA GLU C 66 1.24 -0.99 -9.12
C GLU C 66 2.06 -0.25 -8.05
N LEU C 67 1.85 1.06 -7.93
CA LEU C 67 2.47 1.84 -6.86
C LEU C 67 1.99 1.39 -5.48
N ILE C 68 0.67 1.19 -5.34
CA ILE C 68 0.11 0.72 -4.06
C ILE C 68 0.62 -0.69 -3.75
N ASN C 69 0.72 -1.55 -4.78
CA ASN C 69 1.30 -2.89 -4.65
C ASN C 69 2.77 -2.86 -4.22
N ALA C 70 3.50 -1.86 -4.72
CA ALA C 70 4.90 -1.69 -4.37
C ALA C 70 5.04 -1.42 -2.87
N LEU C 71 4.12 -0.60 -2.36
CA LEU C 71 4.02 -0.31 -0.93
C LEU C 71 3.66 -1.56 -0.13
N ASN C 72 2.68 -2.34 -0.60
CA ASN C 72 2.34 -3.61 0.03
C ASN C 72 3.54 -4.53 0.21
N LYS C 73 4.35 -4.61 -0.84
CA LYS C 73 5.53 -5.47 -0.89
C LYS C 73 6.58 -5.00 0.12
N ILE C 74 6.79 -3.69 0.16
CA ILE C 74 7.70 -3.10 1.14
C ILE C 74 7.27 -3.46 2.57
N LYS C 75 5.97 -3.35 2.85
CA LYS C 75 5.39 -3.67 4.14
C LYS C 75 5.65 -5.12 4.58
N LYS C 76 5.82 -6.01 3.61
CA LYS C 76 6.11 -7.41 3.89
C LYS C 76 7.40 -7.57 4.68
N GLY C 77 8.32 -6.61 4.51
CA GLY C 77 9.57 -6.56 5.27
C GLY C 77 9.38 -6.23 6.74
N LEU C 78 8.17 -5.80 7.10
CA LEU C 78 7.86 -5.46 8.49
C LEU C 78 7.13 -6.58 9.22
N LEU C 79 6.92 -7.69 8.54
CA LEU C 79 6.31 -8.85 9.16
C LEU C 79 7.24 -9.38 10.25
N VAL C 80 6.67 -9.76 11.38
CA VAL C 80 7.40 -10.44 12.44
C VAL C 80 6.60 -11.70 12.81
N PHE C 81 7.25 -12.85 12.75
CA PHE C 81 6.62 -14.15 13.00
C PHE C 81 5.54 -14.43 11.95
N GLY C 82 5.67 -13.77 10.81
CA GLY C 82 4.72 -13.95 9.71
C GLY C 82 3.47 -13.09 9.81
N SER C 83 3.44 -12.18 10.79
CA SER C 83 2.28 -11.32 11.07
C SER C 83 2.64 -9.83 11.13
N GLY D 1 -11.53 7.27 -58.43
CA GLY D 1 -10.14 7.52 -57.98
C GLY D 1 -9.80 6.62 -56.82
N HIS D 2 -8.58 6.73 -56.33
CA HIS D 2 -8.10 5.80 -55.31
C HIS D 2 -8.94 5.80 -54.04
N MET D 3 -9.31 6.98 -53.53
CA MET D 3 -10.05 7.00 -52.26
C MET D 3 -11.39 6.31 -52.40
N PHE D 4 -12.14 6.60 -53.46
CA PHE D 4 -13.46 6.02 -53.60
C PHE D 4 -13.39 4.52 -53.88
N GLU D 5 -12.37 4.08 -54.60
CA GLU D 5 -12.18 2.64 -54.82
C GLU D 5 -11.88 1.92 -53.49
N LYS D 6 -11.10 2.56 -52.61
CA LYS D 6 -10.83 2.01 -51.28
C LYS D 6 -12.12 1.92 -50.46
N ILE D 7 -12.92 2.99 -50.50
CA ILE D 7 -14.19 3.01 -49.78
C ILE D 7 -15.12 1.91 -50.29
N ARG D 8 -15.21 1.79 -51.61
CA ARG D 8 -16.06 0.75 -52.22
C ARG D 8 -15.67 -0.67 -51.75
N LYS D 9 -14.37 -0.94 -51.69
CA LYS D 9 -13.86 -2.23 -51.22
C LYS D 9 -14.25 -2.45 -49.76
N ILE D 10 -14.12 -1.41 -48.94
CA ILE D 10 -14.48 -1.54 -47.53
C ILE D 10 -15.97 -1.77 -47.37
N LEU D 11 -16.78 -1.05 -48.15
CA LEU D 11 -18.23 -1.27 -48.12
C LEU D 11 -18.61 -2.72 -48.44
N ALA D 12 -17.96 -3.30 -49.46
CA ALA D 12 -18.25 -4.68 -49.84
C ALA D 12 -17.84 -5.61 -48.71
N ASP D 13 -16.70 -5.35 -48.10
CA ASP D 13 -16.21 -6.17 -46.97
C ASP D 13 -17.14 -6.06 -45.78
N ILE D 14 -17.70 -4.86 -45.54
CA ILE D 14 -18.70 -4.68 -44.48
C ILE D 14 -19.96 -5.52 -44.73
N GLU D 15 -20.47 -5.48 -45.96
CA GLU D 15 -21.63 -6.31 -46.33
C GLU D 15 -21.36 -7.78 -46.05
N ASP D 16 -20.19 -8.27 -46.47
CA ASP D 16 -19.80 -9.67 -46.27
C ASP D 16 -19.67 -9.99 -44.78
N SER D 17 -19.00 -9.11 -44.04
CA SER D 17 -18.86 -9.28 -42.59
C SER D 17 -20.25 -9.38 -41.91
N GLN D 18 -21.17 -8.48 -42.26
CA GLN D 18 -22.52 -8.51 -41.68
C GLN D 18 -23.21 -9.84 -42.00
N ASN D 19 -23.07 -10.30 -43.25
CA ASN D 19 -23.67 -11.57 -43.65
C ASN D 19 -23.12 -12.75 -42.86
N GLU D 20 -21.80 -12.77 -42.66
CA GLU D 20 -21.19 -13.84 -41.89
C GLU D 20 -21.59 -13.79 -40.42
N ILE D 21 -21.66 -12.59 -39.86
CA ILE D 21 -22.13 -12.40 -38.50
C ILE D 21 -23.55 -12.89 -38.33
N GLU D 22 -24.44 -12.54 -39.27
CA GLU D 22 -25.83 -12.99 -39.18
C GLU D 22 -25.91 -14.52 -39.19
N MET D 23 -25.08 -15.15 -40.03
CA MET D 23 -25.03 -16.62 -40.08
C MET D 23 -24.51 -17.19 -38.76
N LEU D 24 -23.45 -16.60 -38.24
CA LEU D 24 -22.89 -17.11 -36.99
C LEU D 24 -23.83 -16.91 -35.80
N LEU D 25 -24.57 -15.80 -35.78
CA LEU D 25 -25.61 -15.57 -34.75
C LEU D 25 -26.70 -16.66 -34.83
N LYS D 26 -27.09 -16.99 -36.05
CA LYS D 26 -28.10 -18.02 -36.27
C LYS D 26 -27.59 -19.36 -35.74
N LEU D 27 -26.37 -19.72 -36.12
CA LEU D 27 -25.75 -20.98 -35.68
C LEU D 27 -25.59 -21.05 -34.16
N ALA D 28 -25.38 -19.88 -33.54
CA ALA D 28 -25.22 -19.81 -32.08
C ALA D 28 -26.56 -19.70 -31.33
N ASN D 29 -27.66 -19.51 -32.08
CA ASN D 29 -28.96 -19.15 -31.51
C ASN D 29 -28.89 -17.94 -30.58
N LEU D 30 -28.22 -16.89 -31.05
CA LEU D 30 -28.05 -15.67 -30.27
C LEU D 30 -28.49 -14.50 -31.11
N SER D 31 -29.07 -13.50 -30.45
CA SER D 31 -29.20 -12.19 -31.06
C SER D 31 -27.87 -11.44 -30.87
N LEU D 32 -27.65 -10.38 -31.65
CA LEU D 32 -26.46 -9.55 -31.46
C LEU D 32 -26.42 -8.97 -30.04
N GLY D 33 -27.57 -8.55 -29.54
CA GLY D 33 -27.68 -8.05 -28.15
C GLY D 33 -27.24 -9.10 -27.13
N ASP D 34 -27.71 -10.33 -27.30
CA ASP D 34 -27.31 -11.45 -26.43
C ASP D 34 -25.80 -11.65 -26.47
N PHE D 35 -25.23 -11.60 -27.68
CA PHE D 35 -23.78 -11.75 -27.84
C PHE D 35 -23.04 -10.71 -27.00
N ILE D 36 -23.44 -9.45 -27.13
CA ILE D 36 -22.78 -8.38 -26.36
C ILE D 36 -22.95 -8.60 -24.86
N GLU D 37 -24.15 -9.01 -24.44
CA GLU D 37 -24.35 -9.29 -23.01
C GLU D 37 -23.46 -10.41 -22.46
N ILE D 38 -23.24 -11.44 -23.27
CA ILE D 38 -22.31 -12.52 -22.89
C ILE D 38 -20.86 -12.01 -22.86
N LYS D 39 -20.45 -11.32 -23.92
CA LYS D 39 -19.10 -10.77 -23.99
C LYS D 39 -18.73 -9.82 -22.84
N ARG D 40 -19.70 -9.06 -22.35
CA ARG D 40 -19.43 -8.06 -21.31
C ARG D 40 -19.54 -8.67 -19.91
N GLY D 41 -19.92 -9.96 -19.86
CA GLY D 41 -20.02 -10.70 -18.60
C GLY D 41 -21.34 -10.54 -17.86
N SER D 42 -22.36 -10.00 -18.54
CA SER D 42 -23.64 -9.75 -17.88
C SER D 42 -24.63 -10.90 -18.02
N MET D 43 -24.39 -11.78 -18.99
CA MET D 43 -25.30 -12.90 -19.30
C MET D 43 -24.50 -14.19 -19.31
N ASP D 44 -24.98 -15.22 -18.59
CA ASP D 44 -24.30 -16.52 -18.64
C ASP D 44 -24.28 -17.06 -20.05
N MET D 45 -23.24 -17.81 -20.39
CA MET D 45 -23.19 -18.55 -21.66
C MET D 45 -24.34 -19.59 -21.67
N PRO D 46 -25.30 -19.46 -22.61
CA PRO D 46 -26.35 -20.49 -22.68
C PRO D 46 -25.73 -21.86 -22.96
N LYS D 47 -26.29 -22.90 -22.36
CA LYS D 47 -25.68 -24.23 -22.42
C LYS D 47 -25.58 -24.79 -23.83
N GLY D 48 -26.47 -24.36 -24.71
CA GLY D 48 -26.47 -24.86 -26.07
C GLY D 48 -25.65 -24.08 -27.06
N VAL D 49 -24.99 -23.01 -26.61
CA VAL D 49 -24.17 -22.23 -27.53
C VAL D 49 -22.84 -22.92 -27.74
N ASN D 50 -22.53 -23.27 -28.99
CA ASN D 50 -21.24 -23.83 -29.31
C ASN D 50 -20.11 -22.81 -29.05
N GLU D 51 -19.12 -23.22 -28.26
CA GLU D 51 -18.00 -22.33 -27.90
C GLU D 51 -17.18 -21.90 -29.10
N ALA D 52 -16.92 -22.81 -30.04
CA ALA D 52 -16.14 -22.43 -31.21
C ALA D 52 -16.90 -21.46 -32.12
N PHE D 53 -18.22 -21.67 -32.28
CA PHE D 53 -19.07 -20.68 -32.99
C PHE D 53 -18.96 -19.31 -32.31
N PHE D 54 -19.04 -19.30 -30.98
CA PHE D 54 -19.00 -18.04 -30.24
C PHE D 54 -17.68 -17.29 -30.46
N THR D 55 -16.56 -18.03 -30.43
CA THR D 55 -15.25 -17.46 -30.67
C THR D 55 -15.16 -16.91 -32.10
N GLN D 56 -15.66 -17.68 -33.07
CA GLN D 56 -15.61 -17.26 -34.46
C GLN D 56 -16.46 -16.01 -34.66
N LEU D 57 -17.65 -16.02 -34.05
CA LEU D 57 -18.52 -14.84 -34.06
C LEU D 57 -17.82 -13.62 -33.46
N SER D 58 -17.16 -13.80 -32.32
CA SER D 58 -16.45 -12.69 -31.68
C SER D 58 -15.42 -12.10 -32.62
N GLU D 59 -14.67 -12.97 -33.29
CA GLU D 59 -13.63 -12.52 -34.19
C GLU D 59 -14.22 -11.75 -35.37
N GLU D 60 -15.36 -12.21 -35.88
CA GLU D 60 -15.97 -11.50 -37.02
C GLU D 60 -16.55 -10.13 -36.61
N VAL D 61 -17.11 -10.06 -35.41
CA VAL D 61 -17.60 -8.78 -34.86
C VAL D 61 -16.42 -7.79 -34.73
N GLU D 62 -15.27 -8.28 -34.28
CA GLU D 62 -14.06 -7.44 -34.23
C GLU D 62 -13.63 -6.99 -35.63
N ARG D 63 -13.73 -7.88 -36.62
CA ARG D 63 -13.43 -7.51 -38.01
C ARG D 63 -14.37 -6.39 -38.48
N LEU D 64 -15.67 -6.49 -38.15
CA LEU D 64 -16.64 -5.46 -38.57
C LEU D 64 -16.29 -4.10 -37.97
N LYS D 65 -15.97 -4.11 -36.69
CA LYS D 65 -15.58 -2.88 -35.99
C LYS D 65 -14.34 -2.28 -36.65
N GLU D 66 -13.37 -3.13 -36.99
CA GLU D 66 -12.13 -2.66 -37.63
C GLU D 66 -12.34 -2.12 -39.04
N LEU D 67 -13.28 -2.71 -39.78
CA LEU D 67 -13.62 -2.21 -41.11
C LEU D 67 -14.25 -0.81 -41.03
N ILE D 68 -15.15 -0.62 -40.07
CA ILE D 68 -15.79 0.68 -39.90
C ILE D 68 -14.73 1.70 -39.46
N ASN D 69 -13.85 1.30 -38.56
CA ASN D 69 -12.71 2.16 -38.16
C ASN D 69 -11.81 2.55 -39.33
N ALA D 70 -11.53 1.58 -40.21
CA ALA D 70 -10.71 1.84 -41.39
C ALA D 70 -11.40 2.85 -42.32
N LEU D 71 -12.72 2.70 -42.49
CA LEU D 71 -13.47 3.64 -43.29
C LEU D 71 -13.39 5.05 -42.72
N ASN D 72 -13.50 5.14 -41.39
CA ASN D 72 -13.41 6.44 -40.76
C ASN D 72 -12.04 7.05 -40.90
N LYS D 73 -11.00 6.22 -40.85
CA LYS D 73 -9.65 6.72 -41.10
C LYS D 73 -9.49 7.27 -42.52
N ILE D 74 -10.12 6.64 -43.52
CA ILE D 74 -10.10 7.19 -44.87
C ILE D 74 -10.81 8.54 -44.85
N LYS D 75 -11.93 8.61 -44.14
CA LYS D 75 -12.70 9.85 -44.03
C LYS D 75 -11.90 11.02 -43.44
N LYS D 76 -10.92 10.74 -42.59
CA LYS D 76 -10.06 11.81 -42.05
C LYS D 76 -9.36 12.60 -43.16
N GLY D 77 -9.15 11.96 -44.30
CA GLY D 77 -8.56 12.61 -45.46
C GLY D 77 -9.45 13.69 -46.07
N LEU D 78 -10.74 13.64 -45.75
CA LEU D 78 -11.71 14.66 -46.21
C LEU D 78 -11.90 15.77 -45.20
N LEU D 79 -11.26 15.66 -44.04
CA LEU D 79 -11.32 16.73 -43.08
C LEU D 79 -10.55 17.90 -43.63
N VAL D 80 -11.02 19.07 -43.30
CA VAL D 80 -10.32 20.28 -43.69
C VAL D 80 -10.04 20.96 -42.37
N PHE D 81 -8.74 21.17 -42.13
CA PHE D 81 -8.24 21.79 -40.91
C PHE D 81 -8.48 20.90 -39.70
N GLY D 82 -8.46 19.59 -39.91
CA GLY D 82 -8.66 18.62 -38.84
C GLY D 82 -10.10 18.48 -38.37
N SER D 83 -11.02 19.14 -39.06
CA SER D 83 -12.42 19.18 -38.66
C SER D 83 -13.36 18.84 -39.80
N HIS E 2 -31.96 -3.64 -34.76
CA HIS E 2 -32.03 -3.35 -36.21
C HIS E 2 -30.72 -2.74 -36.71
N MET E 3 -29.61 -3.05 -36.03
CA MET E 3 -28.33 -2.42 -36.34
C MET E 3 -27.91 -2.65 -37.80
N PHE E 4 -28.01 -3.88 -38.27
CA PHE E 4 -27.48 -4.20 -39.60
C PHE E 4 -28.32 -3.59 -40.72
N GLU E 5 -29.62 -3.47 -40.47
CA GLU E 5 -30.48 -2.82 -41.46
C GLU E 5 -30.16 -1.33 -41.53
N LYS E 6 -29.84 -0.72 -40.39
CA LYS E 6 -29.42 0.69 -40.38
C LYS E 6 -28.08 0.86 -41.12
N ILE E 7 -27.16 -0.07 -40.88
CA ILE E 7 -25.86 -0.03 -41.54
C ILE E 7 -26.02 -0.18 -43.05
N ARG E 8 -26.80 -1.18 -43.48
CA ARG E 8 -27.03 -1.40 -44.91
C ARG E 8 -27.60 -0.17 -45.61
N LYS E 9 -28.52 0.53 -44.97
CA LYS E 9 -29.10 1.75 -45.56
C LYS E 9 -28.01 2.85 -45.74
N ILE E 10 -27.14 2.98 -44.74
CA ILE E 10 -26.06 3.95 -44.82
C ILE E 10 -25.09 3.57 -45.93
N LEU E 11 -24.79 2.28 -46.06
CA LEU E 11 -23.90 1.83 -47.14
C LEU E 11 -24.46 2.20 -48.52
N ALA E 12 -25.77 2.03 -48.70
CA ALA E 12 -26.39 2.38 -49.98
C ALA E 12 -26.33 3.89 -50.23
N ASP E 13 -26.54 4.67 -49.19
CA ASP E 13 -26.46 6.13 -49.28
C ASP E 13 -25.04 6.60 -49.59
N ILE E 14 -24.05 5.90 -49.04
CA ILE E 14 -22.65 6.24 -49.32
C ILE E 14 -22.34 6.00 -50.81
N GLU E 15 -22.78 4.87 -51.34
CA GLU E 15 -22.60 4.58 -52.76
C GLU E 15 -23.21 5.68 -53.64
N ASP E 16 -24.43 6.12 -53.30
CA ASP E 16 -25.11 7.16 -54.08
C ASP E 16 -24.33 8.48 -53.98
N SER E 17 -23.87 8.82 -52.78
CA SER E 17 -23.10 10.05 -52.56
C SER E 17 -21.81 10.02 -53.40
N GLN E 18 -21.12 8.87 -53.40
CA GLN E 18 -19.89 8.73 -54.17
C GLN E 18 -20.15 8.92 -55.66
N ASN E 19 -21.24 8.33 -56.16
CA ASN E 19 -21.59 8.44 -57.58
C ASN E 19 -21.79 9.89 -57.98
N GLU E 20 -22.49 10.65 -57.13
CA GLU E 20 -22.76 12.05 -57.44
C GLU E 20 -21.49 12.87 -57.39
N ILE E 21 -20.67 12.64 -56.38
CA ILE E 21 -19.39 13.32 -56.28
C ILE E 21 -18.52 13.04 -57.50
N GLU E 22 -18.48 11.78 -57.96
CA GLU E 22 -17.68 11.47 -59.14
C GLU E 22 -18.13 12.25 -60.37
N MET E 23 -19.44 12.37 -60.57
CA MET E 23 -19.94 13.15 -61.68
C MET E 23 -19.61 14.63 -61.53
N LEU E 24 -19.79 15.19 -60.32
CA LEU E 24 -19.45 16.59 -60.10
C LEU E 24 -17.96 16.88 -60.33
N LEU E 25 -17.09 15.95 -59.90
CA LEU E 25 -15.64 16.07 -60.15
C LEU E 25 -15.35 16.08 -61.65
N LYS E 26 -16.00 15.19 -62.40
CA LYS E 26 -15.81 15.15 -63.86
C LYS E 26 -16.23 16.50 -64.47
N LEU E 27 -17.38 17.00 -64.05
CA LEU E 27 -17.91 18.27 -64.57
C LEU E 27 -17.00 19.46 -64.26
N ALA E 28 -16.43 19.46 -63.07
CA ALA E 28 -15.54 20.54 -62.60
C ALA E 28 -14.11 20.37 -63.13
N ASN E 29 -13.83 19.21 -63.71
CA ASN E 29 -12.51 18.85 -64.19
C ASN E 29 -11.48 18.86 -63.05
N LEU E 30 -11.86 18.24 -61.94
CA LEU E 30 -11.01 18.14 -60.76
C LEU E 30 -10.86 16.70 -60.35
N SER E 31 -9.71 16.35 -59.80
CA SER E 31 -9.64 15.11 -59.03
C SER E 31 -10.15 15.38 -57.60
N LEU E 32 -10.43 14.31 -56.87
CA LEU E 32 -10.86 14.51 -55.50
C LEU E 32 -9.74 15.22 -54.70
N GLY E 33 -8.49 14.82 -54.97
CA GLY E 33 -7.35 15.44 -54.29
C GLY E 33 -7.27 16.93 -54.60
N ASP E 34 -7.54 17.29 -55.85
CA ASP E 34 -7.58 18.70 -56.25
C ASP E 34 -8.62 19.44 -55.42
N PHE E 35 -9.82 18.86 -55.32
CA PHE E 35 -10.88 19.49 -54.54
C PHE E 35 -10.42 19.71 -53.09
N ILE E 36 -9.88 18.67 -52.48
CA ILE E 36 -9.43 18.75 -51.09
C ILE E 36 -8.39 19.86 -50.92
N GLU E 37 -7.45 19.94 -51.87
CA GLU E 37 -6.38 20.94 -51.75
C GLU E 37 -6.88 22.37 -51.95
N ILE E 38 -7.90 22.55 -52.80
CA ILE E 38 -8.50 23.88 -52.96
C ILE E 38 -9.24 24.24 -51.67
N LYS E 39 -9.97 23.26 -51.15
CA LYS E 39 -10.83 23.46 -49.98
C LYS E 39 -9.99 23.81 -48.74
N ARG E 40 -8.76 23.32 -48.70
CA ARG E 40 -7.90 23.51 -47.53
C ARG E 40 -6.99 24.73 -47.69
N GLY E 41 -7.08 25.41 -48.85
CA GLY E 41 -6.30 26.63 -49.06
C GLY E 41 -4.94 26.44 -49.69
N SER E 42 -4.57 25.21 -50.03
CA SER E 42 -3.27 24.94 -50.64
C SER E 42 -3.17 25.16 -52.15
N MET E 43 -4.25 24.88 -52.89
CA MET E 43 -4.28 24.97 -54.36
C MET E 43 -5.13 26.19 -54.68
N ASP E 44 -4.67 27.05 -55.61
CA ASP E 44 -5.52 28.17 -56.05
C ASP E 44 -6.77 27.61 -56.71
N MET E 45 -7.88 28.33 -56.61
CA MET E 45 -9.04 27.96 -57.42
C MET E 45 -8.66 28.11 -58.89
N PRO E 46 -8.68 27.00 -59.66
CA PRO E 46 -8.39 27.14 -61.09
C PRO E 46 -9.38 28.07 -61.79
N LYS E 47 -8.88 28.89 -62.71
CA LYS E 47 -9.73 29.90 -63.33
C LYS E 47 -10.90 29.30 -64.09
N GLY E 48 -10.69 28.09 -64.61
CA GLY E 48 -11.70 27.40 -65.39
C GLY E 48 -12.71 26.59 -64.59
N VAL E 49 -12.51 26.49 -63.27
CA VAL E 49 -13.44 25.72 -62.42
C VAL E 49 -14.66 26.54 -62.05
N ASN E 50 -15.83 26.02 -62.38
CA ASN E 50 -17.08 26.66 -62.04
C ASN E 50 -17.33 26.68 -60.53
N GLU E 51 -17.57 27.87 -59.99
CA GLU E 51 -17.77 28.01 -58.55
C GLU E 51 -19.02 27.31 -58.02
N ALA E 52 -20.11 27.36 -58.79
CA ALA E 52 -21.33 26.68 -58.37
C ALA E 52 -21.15 25.16 -58.35
N PHE E 53 -20.43 24.60 -59.33
CA PHE E 53 -20.05 23.18 -59.25
C PHE E 53 -19.23 22.93 -57.99
N PHE E 54 -18.26 23.81 -57.70
CA PHE E 54 -17.40 23.61 -56.53
C PHE E 54 -18.20 23.59 -55.24
N THR E 55 -19.16 24.50 -55.13
CA THR E 55 -20.02 24.58 -53.94
C THR E 55 -20.89 23.33 -53.80
N GLN E 56 -21.45 22.87 -54.92
CA GLN E 56 -22.32 21.71 -54.92
C GLN E 56 -21.51 20.48 -54.52
N LEU E 57 -20.31 20.37 -55.09
CA LEU E 57 -19.36 19.32 -54.73
C LEU E 57 -19.04 19.35 -53.24
N SER E 58 -18.73 20.53 -52.72
CA SER E 58 -18.44 20.72 -51.31
C SER E 58 -19.57 20.20 -50.42
N GLU E 59 -20.81 20.54 -50.79
CA GLU E 59 -22.00 20.12 -50.05
C GLU E 59 -22.17 18.60 -50.05
N GLU E 60 -21.91 17.96 -51.19
CA GLU E 60 -22.02 16.49 -51.26
C GLU E 60 -20.88 15.78 -50.50
N VAL E 61 -19.68 16.36 -50.54
CA VAL E 61 -18.58 15.78 -49.75
C VAL E 61 -18.91 15.85 -48.25
N GLU E 62 -19.53 16.94 -47.82
CA GLU E 62 -19.99 17.03 -46.43
C GLU E 62 -21.01 15.94 -46.08
N ARG E 63 -21.93 15.67 -47.01
CA ARG E 63 -22.91 14.59 -46.83
C ARG E 63 -22.19 13.24 -46.69
N LEU E 64 -21.16 13.04 -47.51
CA LEU E 64 -20.41 11.78 -47.44
C LEU E 64 -19.74 11.61 -46.07
N LYS E 65 -19.13 12.68 -45.59
CA LYS E 65 -18.53 12.68 -44.27
C LYS E 65 -19.56 12.36 -43.18
N GLU E 66 -20.72 13.00 -43.26
CA GLU E 66 -21.78 12.78 -42.27
C GLU E 66 -22.28 11.33 -42.28
N LEU E 67 -22.38 10.75 -43.48
CA LEU E 67 -22.80 9.35 -43.60
C LEU E 67 -21.80 8.43 -42.92
N ILE E 68 -20.52 8.67 -43.15
CA ILE E 68 -19.48 7.84 -42.50
C ILE E 68 -19.50 8.04 -40.99
N ASN E 69 -19.71 9.28 -40.54
CA ASN E 69 -19.86 9.57 -39.12
C ASN E 69 -21.06 8.86 -38.50
N ALA E 70 -22.16 8.76 -39.24
CA ALA E 70 -23.34 8.04 -38.78
C ALA E 70 -23.03 6.57 -38.54
N LEU E 71 -22.23 6.00 -39.43
CA LEU E 71 -21.81 4.61 -39.32
C LEU E 71 -20.91 4.43 -38.09
N ASN E 72 -20.01 5.40 -37.89
CA ASN E 72 -19.17 5.41 -36.70
C ASN E 72 -19.94 5.36 -35.42
N LYS E 73 -20.98 6.19 -35.36
CA LYS E 73 -21.80 6.32 -34.17
C LYS E 73 -22.54 5.01 -33.90
N ILE E 74 -23.06 4.38 -34.96
CA ILE E 74 -23.71 3.08 -34.80
C ILE E 74 -22.74 2.07 -34.18
N LYS E 75 -21.52 2.07 -34.69
CA LYS E 75 -20.49 1.14 -34.25
C LYS E 75 -20.18 1.26 -32.75
N LYS E 76 -20.42 2.44 -32.17
CA LYS E 76 -20.24 2.64 -30.72
C LYS E 76 -21.09 1.66 -29.89
N GLY E 77 -22.22 1.22 -30.47
CA GLY E 77 -23.09 0.21 -29.85
C GLY E 77 -22.45 -1.18 -29.71
N LEU E 78 -21.28 -1.37 -30.32
CA LEU E 78 -20.55 -2.63 -30.23
C LEU E 78 -19.40 -2.60 -29.21
N LEU E 79 -19.26 -1.50 -28.48
CA LEU E 79 -18.21 -1.39 -27.47
C LEU E 79 -18.46 -2.40 -26.35
N VAL E 80 -17.38 -2.99 -25.86
CA VAL E 80 -17.44 -3.87 -24.67
C VAL E 80 -16.28 -3.46 -23.78
N PHE E 81 -16.57 -3.17 -22.51
CA PHE E 81 -15.59 -2.63 -21.55
C PHE E 81 -15.03 -1.29 -22.02
N GLY E 82 -15.74 -0.66 -22.94
CA GLY E 82 -15.36 0.65 -23.46
C GLY E 82 -14.38 0.61 -24.62
N SER E 83 -14.17 -0.57 -25.19
CA SER E 83 -13.33 -0.70 -26.38
C SER E 83 -13.88 -1.61 -27.48
N GLY F 1 14.30 1.06 58.44
CA GLY F 1 12.97 1.62 58.08
C GLY F 1 12.32 0.96 56.88
N HIS F 2 11.24 1.56 56.40
CA HIS F 2 10.44 0.94 55.36
C HIS F 2 11.23 0.54 54.11
N MET F 3 12.10 1.42 53.62
CA MET F 3 12.77 1.14 52.33
C MET F 3 13.64 -0.10 52.47
N PHE F 4 14.46 -0.15 53.52
CA PHE F 4 15.36 -1.29 53.66
C PHE F 4 14.64 -2.59 54.00
N GLU F 5 13.53 -2.49 54.72
CA GLU F 5 12.74 -3.71 54.96
C GLU F 5 12.18 -4.25 53.65
N LYS F 6 11.73 -3.36 52.77
CA LYS F 6 11.24 -3.77 51.45
C LYS F 6 12.36 -4.36 50.61
N ILE F 7 13.49 -3.68 50.58
CA ILE F 7 14.64 -4.21 49.83
C ILE F 7 15.02 -5.61 50.33
N ARG F 8 15.10 -5.78 51.64
CA ARG F 8 15.49 -7.06 52.22
C ARG F 8 14.50 -8.18 51.84
N LYS F 9 13.22 -7.86 51.81
CA LYS F 9 12.20 -8.83 51.34
C LYS F 9 12.44 -9.22 49.89
N ILE F 10 12.73 -8.23 49.06
CA ILE F 10 12.98 -8.49 47.63
C ILE F 10 14.25 -9.33 47.44
N LEU F 11 15.31 -9.00 48.18
CA LEU F 11 16.54 -9.78 48.09
C LEU F 11 16.30 -11.25 48.44
N ALA F 12 15.54 -11.49 49.51
CA ALA F 12 15.19 -12.86 49.90
C ALA F 12 14.41 -13.55 48.79
N ASP F 13 13.47 -12.83 48.17
CA ASP F 13 12.68 -13.40 47.06
C ASP F 13 13.55 -13.70 45.84
N ILE F 14 14.51 -12.81 45.57
CA ILE F 14 15.48 -13.04 44.49
C ILE F 14 16.31 -14.29 44.74
N GLU F 15 16.76 -14.50 45.98
CA GLU F 15 17.54 -15.69 46.27
C GLU F 15 16.72 -16.96 46.04
N ASP F 16 15.48 -16.94 46.52
CA ASP F 16 14.54 -18.05 46.31
C ASP F 16 14.27 -18.30 44.84
N SER F 17 14.03 -17.23 44.08
CA SER F 17 13.74 -17.33 42.66
C SER F 17 14.92 -17.97 41.92
N GLN F 18 16.13 -17.50 42.23
CA GLN F 18 17.35 -18.08 41.66
C GLN F 18 17.47 -19.57 41.96
N ASN F 19 17.22 -19.94 43.22
CA ASN F 19 17.29 -21.35 43.63
C ASN F 19 16.30 -22.21 42.86
N GLU F 20 15.08 -21.71 42.72
CA GLU F 20 14.04 -22.43 41.98
C GLU F 20 14.37 -22.58 40.50
N ILE F 21 14.90 -21.50 39.90
CA ILE F 21 15.32 -21.53 38.50
C ILE F 21 16.44 -22.54 38.29
N GLU F 22 17.40 -22.57 39.21
CA GLU F 22 18.50 -23.52 39.05
C GLU F 22 17.97 -24.95 39.11
N MET F 23 17.03 -25.19 40.02
CA MET F 23 16.39 -26.52 40.17
C MET F 23 15.65 -26.89 38.88
N LEU F 24 14.88 -25.95 38.35
CA LEU F 24 14.11 -26.19 37.13
C LEU F 24 15.01 -26.43 35.91
N LEU F 25 16.13 -25.70 35.82
CA LEU F 25 17.11 -25.89 34.75
C LEU F 25 17.76 -27.28 34.82
N LYS F 26 18.02 -27.73 36.05
CA LYS F 26 18.63 -29.05 36.27
C LYS F 26 17.63 -30.11 35.80
N LEU F 27 16.37 -29.97 36.21
CA LEU F 27 15.33 -30.92 35.85
C LEU F 27 15.09 -30.97 34.34
N ALA F 28 15.32 -29.86 33.66
CA ALA F 28 15.13 -29.78 32.20
C ALA F 28 16.40 -30.11 31.41
N ASN F 29 17.51 -30.30 32.10
CA ASN F 29 18.87 -30.38 31.49
C ASN F 29 19.11 -29.25 30.49
N LEU F 30 18.81 -28.02 30.92
CA LEU F 30 19.04 -26.83 30.10
C LEU F 30 19.97 -25.91 30.87
N SER F 31 20.81 -25.18 30.14
CA SER F 31 21.47 -24.01 30.72
C SER F 31 20.49 -22.86 30.63
N LEU F 32 20.73 -21.82 31.40
CA LEU F 32 19.93 -20.61 31.26
C LEU F 32 20.03 -20.04 29.84
N GLY F 33 21.23 -20.08 29.25
CA GLY F 33 21.44 -19.67 27.86
C GLY F 33 20.54 -20.45 26.91
N ASP F 34 20.52 -21.78 27.07
CA ASP F 34 19.63 -22.63 26.25
C ASP F 34 18.18 -22.24 26.40
N PHE F 35 17.74 -22.01 27.64
CA PHE F 35 16.36 -21.60 27.88
C PHE F 35 16.04 -20.35 27.04
N ILE F 36 16.89 -19.33 27.14
CA ILE F 36 16.68 -18.08 26.39
C ILE F 36 16.66 -18.34 24.87
N GLU F 37 17.56 -19.20 24.39
CA GLU F 37 17.56 -19.54 22.94
C GLU F 37 16.26 -20.21 22.47
N ILE F 38 15.66 -21.04 23.33
CA ILE F 38 14.39 -21.69 22.96
C ILE F 38 13.29 -20.65 23.01
N LYS F 39 13.28 -19.89 24.10
CA LYS F 39 12.25 -18.89 24.30
C LYS F 39 12.20 -17.83 23.19
N ARG F 40 13.37 -17.48 22.64
CA ARG F 40 13.49 -16.44 21.60
C ARG F 40 13.25 -17.00 20.19
N GLY F 41 13.10 -18.33 20.09
CA GLY F 41 12.82 -18.98 18.81
C GLY F 41 14.05 -19.34 17.98
N SER F 42 15.21 -19.39 18.61
CA SER F 42 16.46 -19.67 17.89
C SER F 42 16.93 -21.11 18.04
N MET F 43 16.29 -21.85 18.93
CA MET F 43 16.69 -23.23 19.22
C MET F 43 15.43 -24.07 19.33
N ASP F 44 15.48 -25.26 18.74
CA ASP F 44 14.44 -26.27 18.93
C ASP F 44 14.35 -26.66 20.38
N MET F 45 13.15 -26.94 20.84
CA MET F 45 12.95 -27.57 22.13
C MET F 45 13.55 -28.99 22.10
N PRO F 46 14.62 -29.25 22.88
CA PRO F 46 15.16 -30.62 22.90
C PRO F 46 14.09 -31.62 23.33
N LYS F 47 14.08 -32.79 22.70
CA LYS F 47 12.97 -33.72 22.92
C LYS F 47 12.90 -34.25 24.36
N GLY F 48 14.02 -34.18 25.07
CA GLY F 48 14.09 -34.58 26.48
C GLY F 48 13.58 -33.57 27.49
N VAL F 49 13.28 -32.35 27.04
CA VAL F 49 12.81 -31.31 27.97
C VAL F 49 11.33 -31.44 28.27
N ASN F 50 10.99 -31.64 29.54
CA ASN F 50 9.60 -31.69 29.96
C ASN F 50 8.94 -30.33 29.77
N GLU F 51 7.79 -30.32 29.10
CA GLU F 51 7.13 -29.06 28.73
C GLU F 51 6.58 -28.30 29.92
N ALA F 52 6.04 -29.04 30.90
CA ALA F 52 5.53 -28.40 32.11
C ALA F 52 6.66 -27.75 32.94
N PHE F 53 7.83 -28.39 33.01
CA PHE F 53 9.04 -27.78 33.59
C PHE F 53 9.42 -26.49 32.85
N PHE F 54 9.41 -26.57 31.51
CA PHE F 54 9.75 -25.40 30.70
C PHE F 54 8.81 -24.23 30.98
N THR F 55 7.51 -24.53 31.05
CA THR F 55 6.52 -23.50 31.35
C THR F 55 6.76 -22.88 32.72
N GLN F 56 7.03 -23.73 33.71
CA GLN F 56 7.27 -23.27 35.07
C GLN F 56 8.53 -22.41 35.12
N LEU F 57 9.55 -22.83 34.38
CA LEU F 57 10.81 -22.12 34.29
C LEU F 57 10.57 -20.74 33.71
N SER F 58 9.77 -20.68 32.63
CA SER F 58 9.44 -19.39 32.00
C SER F 58 8.81 -18.45 33.00
N GLU F 59 7.86 -18.97 33.79
CA GLU F 59 7.14 -18.14 34.75
C GLU F 59 8.11 -17.63 35.80
N GLU F 60 9.01 -18.50 36.26
CA GLU F 60 9.93 -18.09 37.32
C GLU F 60 10.98 -17.09 36.84
N VAL F 61 11.40 -17.22 35.58
CA VAL F 61 12.35 -16.26 35.02
C VAL F 61 11.68 -14.88 34.89
N GLU F 62 10.41 -14.87 34.49
CA GLU F 62 9.63 -13.61 34.47
C GLU F 62 9.53 -13.01 35.87
N ARG F 63 9.31 -13.85 36.88
CA ARG F 63 9.23 -13.38 38.26
C ARG F 63 10.56 -12.74 38.69
N LEU F 64 11.68 -13.39 38.36
CA LEU F 64 13.00 -12.85 38.71
C LEU F 64 13.20 -11.46 38.08
N LYS F 65 12.82 -11.34 36.82
CA LYS F 65 12.90 -10.06 36.11
C LYS F 65 12.07 -8.99 36.81
N GLU F 66 10.85 -9.36 37.20
CA GLU F 66 9.95 -8.46 37.92
C GLU F 66 10.49 -8.04 39.28
N LEU F 67 11.13 -8.97 40.00
CA LEU F 67 11.74 -8.65 41.29
C LEU F 67 12.84 -7.64 41.12
N ILE F 68 13.69 -7.82 40.10
CA ILE F 68 14.79 -6.88 39.85
C ILE F 68 14.22 -5.52 39.46
N ASN F 69 13.20 -5.53 38.60
CA ASN F 69 12.52 -4.28 38.24
C ASN F 69 11.94 -3.55 39.47
N ALA F 70 11.31 -4.31 40.36
CA ALA F 70 10.74 -3.76 41.60
C ALA F 70 11.82 -3.10 42.46
N LEU F 71 12.98 -3.75 42.55
CA LEU F 71 14.09 -3.21 43.33
C LEU F 71 14.58 -1.91 42.71
N ASN F 72 14.66 -1.89 41.38
CA ASN F 72 15.03 -0.67 40.68
C ASN F 72 14.03 0.46 40.90
N LYS F 73 12.75 0.13 40.98
CA LYS F 73 11.73 1.14 41.27
C LYS F 73 11.89 1.72 42.68
N ILE F 74 12.21 0.88 43.65
CA ILE F 74 12.47 1.37 44.99
C ILE F 74 13.68 2.33 44.98
N LYS F 75 14.69 1.96 44.18
CA LYS F 75 15.91 2.77 44.03
C LYS F 75 15.61 4.20 43.59
N LYS F 76 14.49 4.40 42.91
CA LYS F 76 14.11 5.73 42.47
C LYS F 76 13.92 6.73 43.63
N GLY F 77 13.60 6.22 44.83
CA GLY F 77 13.49 7.04 46.04
C GLY F 77 14.82 7.60 46.53
N LEU F 78 15.93 7.08 45.96
CA LEU F 78 17.29 7.54 46.31
C LEU F 78 17.81 8.58 45.32
N LEU F 79 17.04 8.83 44.26
CA LEU F 79 17.42 9.82 43.25
C LEU F 79 17.29 11.23 43.78
N VAL F 80 18.22 12.08 43.35
CA VAL F 80 18.21 13.49 43.72
C VAL F 80 18.23 14.21 42.36
N PHE F 81 17.16 14.94 42.09
CA PHE F 81 16.95 15.64 40.80
C PHE F 81 16.79 14.66 39.65
N GLY F 82 16.37 13.44 39.96
CA GLY F 82 16.23 12.38 38.94
C GLY F 82 17.54 11.66 38.62
N SER F 83 18.58 11.91 39.42
CA SER F 83 19.90 11.29 39.23
C SER F 83 20.48 10.64 40.49
MG MG G . 10.77 8.88 56.03
MG MG H . -15.73 8.53 -7.60
MG MG I . -27.27 -4.44 -29.87
MG MG J . -16.82 30.03 -64.82
#